data_3V69
#
_entry.id   3V69
#
_cell.length_a   38.296
_cell.length_b   73.962
_cell.length_c   89.961
_cell.angle_alpha   90.00
_cell.angle_beta   90.00
_cell.angle_gamma   90.00
#
_symmetry.space_group_name_H-M   'P 21 21 21'
#
loop_
_entity.id
_entity.type
_entity.pdbx_description
1 polymer 'Protein Filia'
2 water water
#
_entity_poly.entity_id   1
_entity_poly.type   'polypeptide(L)'
_entity_poly.pdbx_seq_one_letter_code
;MHHHHHHENLYFQSNAMASLKRFQTLVPLDHKQGTLFEIIGEPKLPKWFHVECLEDPKRLYVEPRLLEIMFGKDGEHIPH
LESMLHTLIHVNVWGPERRAEIWIFGPPPFRRDVDRMLTDLAHYCRMKLMEIEALEAGVE
;
_entity_poly.pdbx_strand_id   A,B
#
# COMPACT_ATOMS: atom_id res chain seq x y z
N ALA A 18 -16.36 6.09 -17.34
CA ALA A 18 -16.74 6.53 -16.00
C ALA A 18 -17.37 7.91 -16.07
N SER A 19 -17.01 8.74 -15.10
CA SER A 19 -17.14 10.18 -15.22
C SER A 19 -15.81 10.66 -14.69
N LEU A 20 -15.57 11.97 -14.63
CA LEU A 20 -14.21 12.35 -14.27
C LEU A 20 -13.88 13.25 -13.05
N LYS A 21 -13.31 12.56 -12.06
CA LYS A 21 -12.16 13.04 -11.36
C LYS A 21 -11.21 12.04 -12.00
N ARG A 22 -10.01 12.46 -12.35
CA ARG A 22 -9.04 11.50 -12.83
C ARG A 22 -7.97 11.30 -11.76
N PHE A 23 -7.79 10.04 -11.36
CA PHE A 23 -6.79 9.72 -10.35
C PHE A 23 -5.48 9.31 -10.98
N GLN A 24 -4.39 9.60 -10.30
CA GLN A 24 -3.08 9.22 -10.75
C GLN A 24 -2.89 7.70 -10.80
N THR A 25 -1.96 7.27 -11.65
CA THR A 25 -1.68 5.85 -11.84
C THR A 25 -0.48 5.77 -12.78
N LEU A 26 0.20 4.63 -12.81
CA LEU A 26 1.33 4.48 -13.75
C LEU A 26 0.86 4.37 -15.20
N VAL A 27 -0.35 3.85 -15.39
CA VAL A 27 -0.93 3.63 -16.71
C VAL A 27 -2.40 4.08 -16.80
N PRO A 28 -2.61 5.36 -17.10
CA PRO A 28 -3.97 5.90 -17.32
C PRO A 28 -4.74 5.11 -18.37
N LEU A 29 -5.93 4.68 -17.95
CA LEU A 29 -6.84 3.90 -18.78
C LEU A 29 -8.10 4.69 -19.04
N ASP A 30 -8.74 4.42 -20.18
CA ASP A 30 -10.11 4.84 -20.41
C ASP A 30 -11.07 3.73 -20.02
N HIS A 31 -11.97 4.03 -19.08
CA HIS A 31 -13.10 3.14 -18.79
C HIS A 31 -14.16 3.35 -19.87
N LYS A 32 -14.14 2.50 -20.89
CA LYS A 32 -15.10 2.63 -21.98
C LYS A 32 -16.52 2.26 -21.55
N GLN A 33 -16.67 1.02 -21.07
CA GLN A 33 -17.98 0.49 -20.72
C GLN A 33 -17.79 -0.78 -19.91
N GLY A 34 -18.50 -0.87 -18.77
CA GLY A 34 -18.43 -2.01 -17.91
C GLY A 34 -17.05 -2.56 -17.67
N THR A 35 -16.73 -3.63 -18.38
CA THR A 35 -15.50 -4.36 -18.14
C THR A 35 -14.40 -3.97 -19.14
N LEU A 36 -14.79 -3.21 -20.17
CA LEU A 36 -13.86 -2.76 -21.20
C LEU A 36 -13.03 -1.54 -20.80
N PHE A 37 -11.72 -1.73 -20.69
CA PHE A 37 -10.76 -0.64 -20.46
C PHE A 37 -9.73 -0.59 -21.58
N GLU A 38 -9.23 0.62 -21.88
CA GLU A 38 -8.22 0.80 -22.92
C GLU A 38 -7.14 1.73 -22.42
N ILE A 39 -5.90 1.43 -22.79
CA ILE A 39 -4.74 2.23 -22.44
C ILE A 39 -4.78 3.55 -23.20
N ILE A 40 -4.53 4.67 -22.51
CA ILE A 40 -4.54 5.97 -23.18
C ILE A 40 -3.17 6.32 -23.75
N GLY A 41 -3.13 6.68 -25.03
CA GLY A 41 -1.89 7.03 -25.71
C GLY A 41 -0.84 5.94 -25.72
N GLU A 42 0.41 6.33 -25.52
CA GLU A 42 1.53 5.39 -25.57
C GLU A 42 2.48 5.60 -24.39
N PRO A 43 2.03 5.24 -23.20
CA PRO A 43 2.86 5.32 -22.00
C PRO A 43 3.96 4.26 -22.00
N LYS A 44 5.04 4.53 -21.28
CA LYS A 44 6.03 3.50 -21.01
C LYS A 44 5.43 2.56 -19.98
N LEU A 45 5.24 1.31 -20.36
CA LEU A 45 4.61 0.34 -19.47
C LEU A 45 5.61 -0.17 -18.43
N PRO A 46 5.12 -0.55 -17.23
CA PRO A 46 5.95 -1.19 -16.19
C PRO A 46 6.36 -2.61 -16.60
N LYS A 47 7.57 -3.02 -16.26
CA LYS A 47 8.10 -4.32 -16.71
C LYS A 47 7.18 -5.48 -16.31
N TRP A 48 6.52 -5.35 -15.16
CA TRP A 48 5.66 -6.42 -14.69
C TRP A 48 4.26 -6.42 -15.28
N PHE A 49 3.90 -5.33 -15.94
CA PHE A 49 2.57 -5.19 -16.48
C PHE A 49 2.42 -5.88 -17.84
N HIS A 50 1.38 -6.69 -17.99
CA HIS A 50 1.11 -7.39 -19.24
C HIS A 50 -0.24 -6.94 -19.77
N VAL A 51 -0.25 -6.53 -21.03
CA VAL A 51 -1.46 -6.00 -21.65
C VAL A 51 -2.66 -6.94 -21.46
N GLU A 52 -2.39 -8.24 -21.37
CA GLU A 52 -3.42 -9.27 -21.23
C GLU A 52 -4.29 -9.08 -19.98
N CYS A 53 -3.68 -8.60 -18.91
CA CYS A 53 -4.43 -8.36 -17.67
C CYS A 53 -5.58 -7.35 -17.84
N LEU A 54 -5.56 -6.59 -18.94
CA LEU A 54 -6.60 -5.61 -19.20
C LEU A 54 -7.92 -6.28 -19.51
N GLU A 55 -7.87 -7.60 -19.68
CA GLU A 55 -9.01 -8.36 -20.14
C GLU A 55 -10.05 -8.65 -19.05
N ASP A 56 -9.58 -9.07 -17.88
CA ASP A 56 -10.53 -9.33 -16.79
C ASP A 56 -10.16 -8.65 -15.47
N PRO A 57 -10.52 -7.38 -15.33
CA PRO A 57 -10.23 -6.67 -14.07
C PRO A 57 -11.29 -6.95 -13.01
N LYS A 58 -10.89 -6.90 -11.75
CA LYS A 58 -11.85 -7.02 -10.66
C LYS A 58 -12.29 -5.65 -10.16
N ARG A 59 -13.61 -5.50 -9.96
CA ARG A 59 -14.15 -4.27 -9.42
C ARG A 59 -14.58 -4.44 -7.97
N LEU A 60 -14.31 -3.44 -7.15
CA LEU A 60 -14.89 -3.37 -5.81
C LEU A 60 -15.46 -1.98 -5.54
N TYR A 61 -16.58 -1.92 -4.85
CA TYR A 61 -17.19 -0.64 -4.51
C TYR A 61 -16.66 -0.03 -3.21
N VAL A 62 -16.53 1.29 -3.22
CA VAL A 62 -16.25 2.04 -2.01
C VAL A 62 -17.00 3.38 -2.10
N GLU A 63 -17.41 3.93 -0.95
CA GLU A 63 -17.98 5.28 -0.93
C GLU A 63 -16.91 6.22 -1.44
N PRO A 64 -17.32 7.26 -2.15
CA PRO A 64 -16.39 8.19 -2.83
C PRO A 64 -15.52 8.99 -1.89
N ARG A 65 -16.03 9.33 -0.71
CA ARG A 65 -15.27 10.18 0.20
C ARG A 65 -14.03 9.45 0.74
N LEU A 66 -14.06 8.12 0.69
CA LEU A 66 -12.91 7.34 1.12
C LEU A 66 -11.72 7.40 0.14
N LEU A 67 -12.00 7.70 -1.13
CA LEU A 67 -11.01 7.57 -2.19
C LEU A 67 -9.72 8.31 -1.86
N GLU A 68 -9.82 9.59 -1.51
CA GLU A 68 -8.62 10.35 -1.26
C GLU A 68 -8.00 10.07 0.10
N ILE A 69 -8.76 9.48 1.01
CA ILE A 69 -8.20 9.03 2.28
C ILE A 69 -7.36 7.78 2.01
N MET A 70 -7.94 6.85 1.24
CA MET A 70 -7.25 5.62 0.88
C MET A 70 -6.03 5.88 0.02
N PHE A 71 -6.16 6.77 -0.97
CA PHE A 71 -5.15 6.88 -2.03
C PHE A 71 -4.44 8.23 -2.08
N GLY A 72 -4.75 9.13 -1.16
CA GLY A 72 -4.16 10.45 -1.20
C GLY A 72 -4.89 11.34 -2.20
N LYS A 73 -4.59 12.63 -2.11
CA LYS A 73 -5.18 13.65 -2.93
C LYS A 73 -4.89 13.38 -4.42
N ASP A 74 -5.92 13.41 -5.25
CA ASP A 74 -5.78 13.06 -6.69
C ASP A 74 -5.23 11.65 -6.88
N GLY A 75 -5.31 10.83 -5.83
CA GLY A 75 -4.78 9.48 -5.90
C GLY A 75 -3.28 9.49 -6.08
N GLU A 76 -2.62 10.49 -5.50
CA GLU A 76 -1.18 10.63 -5.65
C GLU A 76 -0.33 9.43 -5.15
N HIS A 77 -0.85 8.62 -4.23
CA HIS A 77 -0.05 7.48 -3.75
C HIS A 77 -0.29 6.21 -4.51
N ILE A 78 -1.15 6.27 -5.53
CA ILE A 78 -1.50 5.08 -6.29
C ILE A 78 -0.31 4.49 -7.07
N PRO A 79 0.53 5.34 -7.70
CA PRO A 79 1.69 4.73 -8.38
C PRO A 79 2.58 3.92 -7.44
N HIS A 80 2.79 4.37 -6.20
CA HIS A 80 3.51 3.59 -5.18
C HIS A 80 2.83 2.27 -4.89
N LEU A 81 1.50 2.31 -4.72
CA LEU A 81 0.75 1.11 -4.38
C LEU A 81 0.82 0.11 -5.51
N GLU A 82 0.67 0.62 -6.74
CA GLU A 82 0.74 -0.19 -7.96
C GLU A 82 2.11 -0.88 -8.10
N SER A 83 3.17 -0.15 -7.80
CA SER A 83 4.51 -0.69 -7.79
C SER A 83 4.70 -1.82 -6.76
N MET A 84 4.05 -1.67 -5.62
CA MET A 84 4.18 -2.62 -4.53
C MET A 84 3.35 -3.87 -4.82
N LEU A 85 2.15 -3.66 -5.37
CA LEU A 85 1.18 -4.72 -5.62
C LEU A 85 1.33 -5.41 -6.97
N HIS A 86 1.97 -4.75 -7.92
CA HIS A 86 2.05 -5.26 -9.28
C HIS A 86 0.65 -5.49 -9.84
N THR A 87 -0.26 -4.58 -9.49
CA THR A 87 -1.54 -4.48 -10.19
C THR A 87 -1.83 -3.01 -10.48
N LEU A 88 -2.42 -2.77 -11.64
CA LEU A 88 -2.90 -1.44 -11.99
C LEU A 88 -4.14 -1.14 -11.18
N ILE A 89 -4.28 0.11 -10.76
CA ILE A 89 -5.51 0.54 -10.08
C ILE A 89 -6.19 1.63 -10.90
N HIS A 90 -7.45 1.42 -11.23
CA HIS A 90 -8.23 2.47 -11.88
C HIS A 90 -9.40 2.92 -11.01
N VAL A 91 -9.52 4.22 -10.81
CA VAL A 91 -10.62 4.76 -10.00
C VAL A 91 -11.71 5.43 -10.85
N ASN A 92 -12.95 4.94 -10.76
CA ASN A 92 -14.06 5.66 -11.40
C ASN A 92 -14.97 6.23 -10.34
N VAL A 93 -15.21 7.53 -10.42
CA VAL A 93 -16.01 8.21 -9.42
C VAL A 93 -17.07 9.04 -10.12
N TRP A 94 -18.27 9.10 -9.55
CA TRP A 94 -19.35 9.90 -10.12
C TRP A 94 -19.84 10.96 -9.13
N GLY A 95 -21.13 10.94 -8.80
CA GLY A 95 -21.67 11.88 -7.84
C GLY A 95 -21.41 11.42 -6.40
N PRO A 96 -21.65 12.30 -5.42
CA PRO A 96 -21.50 11.98 -4.01
C PRO A 96 -22.44 10.88 -3.56
N GLU A 97 -23.52 10.67 -4.30
CA GLU A 97 -24.59 9.75 -3.89
C GLU A 97 -24.39 8.36 -4.47
N ARG A 98 -23.42 8.22 -5.36
CA ARG A 98 -23.18 6.94 -6.04
C ARG A 98 -21.88 6.30 -5.52
N ARG A 99 -21.85 4.98 -5.44
CA ARG A 99 -20.64 4.30 -5.02
C ARG A 99 -19.52 4.47 -6.07
N ALA A 100 -18.29 4.61 -5.60
CA ALA A 100 -17.15 4.70 -6.51
C ALA A 100 -16.74 3.29 -6.85
N GLU A 101 -15.96 3.14 -7.92
CA GLU A 101 -15.50 1.82 -8.30
C GLU A 101 -14.00 1.83 -8.41
N ILE A 102 -13.37 0.88 -7.74
CA ILE A 102 -11.93 0.69 -7.82
C ILE A 102 -11.75 -0.55 -8.64
N TRP A 103 -11.11 -0.39 -9.79
CA TRP A 103 -10.83 -1.51 -10.68
C TRP A 103 -9.38 -1.94 -10.61
N ILE A 104 -9.18 -3.25 -10.50
CA ILE A 104 -7.87 -3.83 -10.28
C ILE A 104 -7.50 -4.77 -11.42
N PHE A 105 -6.25 -4.67 -11.90
CA PHE A 105 -5.81 -5.38 -13.10
C PHE A 105 -4.53 -6.19 -12.91
N GLY A 106 -4.66 -7.50 -12.95
CA GLY A 106 -3.50 -8.37 -13.06
C GLY A 106 -3.95 -9.81 -13.02
N PRO A 107 -2.98 -10.73 -12.93
CA PRO A 107 -3.27 -12.16 -12.74
C PRO A 107 -4.31 -12.34 -11.64
N PRO A 108 -5.32 -13.18 -11.87
CA PRO A 108 -6.37 -13.49 -10.90
C PRO A 108 -5.89 -13.96 -9.51
N PRO A 109 -4.79 -14.74 -9.45
CA PRO A 109 -4.26 -15.09 -8.12
C PRO A 109 -3.84 -13.84 -7.34
N PHE A 110 -3.63 -12.76 -8.06
CA PHE A 110 -3.23 -11.49 -7.47
C PHE A 110 -4.42 -10.61 -7.14
N ARG A 111 -5.31 -10.44 -8.12
CA ARG A 111 -6.50 -9.62 -7.97
C ARG A 111 -7.35 -9.98 -6.74
N ARG A 112 -7.32 -11.25 -6.34
CA ARG A 112 -8.07 -11.70 -5.18
C ARG A 112 -7.56 -11.11 -3.85
N ASP A 113 -6.25 -11.19 -3.64
CA ASP A 113 -5.64 -10.79 -2.38
C ASP A 113 -5.43 -9.29 -2.28
N VAL A 114 -5.15 -8.67 -3.42
CA VAL A 114 -5.15 -7.21 -3.53
C VAL A 114 -6.55 -6.69 -3.22
N ASP A 115 -7.56 -7.49 -3.55
CA ASP A 115 -8.95 -7.17 -3.23
C ASP A 115 -9.18 -7.16 -1.71
N ARG A 116 -8.65 -8.14 -1.00
CA ARG A 116 -8.76 -8.15 0.46
C ARG A 116 -7.98 -7.01 1.10
N MET A 117 -6.78 -6.75 0.60
CA MET A 117 -5.97 -5.60 1.02
C MET A 117 -6.69 -4.24 0.89
N LEU A 118 -7.29 -3.98 -0.28
CA LEU A 118 -8.04 -2.73 -0.50
C LEU A 118 -9.31 -2.63 0.35
N THR A 119 -9.97 -3.77 0.56
CA THR A 119 -11.07 -3.83 1.52
C THR A 119 -10.59 -3.55 2.96
N ASP A 120 -9.50 -4.17 3.37
CA ASP A 120 -8.95 -3.91 4.69
C ASP A 120 -8.54 -2.44 4.84
N LEU A 121 -7.99 -1.87 3.77
CA LEU A 121 -7.54 -0.47 3.80
C LEU A 121 -8.74 0.44 3.93
N ALA A 122 -9.80 0.12 3.18
CA ALA A 122 -11.06 0.85 3.24
C ALA A 122 -11.68 0.84 4.64
N HIS A 123 -11.68 -0.32 5.30
CA HIS A 123 -12.16 -0.43 6.67
C HIS A 123 -11.41 0.53 7.60
N TYR A 124 -10.10 0.51 7.53
CA TYR A 124 -9.28 1.43 8.30
C TYR A 124 -9.60 2.90 8.04
N CYS A 125 -9.66 3.29 6.77
CA CYS A 125 -9.92 4.68 6.39
C CYS A 125 -11.30 5.15 6.79
N ARG A 126 -12.26 4.23 6.81
CA ARG A 126 -13.59 4.53 7.29
C ARG A 126 -13.60 4.85 8.76
N MET A 127 -12.86 4.08 9.56
CA MET A 127 -12.73 4.33 11.01
C MET A 127 -12.07 5.66 11.29
N LYS A 128 -11.00 5.95 10.56
CA LYS A 128 -10.29 7.22 10.74
C LYS A 128 -11.19 8.41 10.36
N LEU A 129 -11.93 8.26 9.27
CA LEU A 129 -12.88 9.27 8.83
C LEU A 129 -13.85 9.62 9.95
N MET A 130 -14.40 8.60 10.57
CA MET A 130 -15.38 8.78 11.64
C MET A 130 -14.76 9.21 12.97
N GLU A 131 -13.44 9.19 13.04
CA GLU A 131 -12.77 9.63 14.25
C GLU A 131 -12.24 11.06 14.10
N ILE A 132 -11.77 11.41 12.90
CA ILE A 132 -11.23 12.73 12.64
C ILE A 132 -12.31 13.81 12.60
N GLU A 133 -13.54 13.39 12.33
CA GLU A 133 -14.68 14.30 12.34
C GLU A 133 -14.97 14.79 13.76
N SER B 19 12.74 12.79 7.42
CA SER B 19 12.27 11.66 8.23
C SER B 19 13.17 11.41 9.45
N LEU B 20 12.60 10.76 10.46
CA LEU B 20 13.17 10.75 11.82
C LEU B 20 14.01 9.50 12.16
N LYS B 21 14.19 9.26 13.45
CA LYS B 21 14.81 8.05 13.96
C LYS B 21 13.75 7.06 14.45
N ARG B 22 12.62 7.58 14.95
CA ARG B 22 11.43 6.77 15.11
C ARG B 22 10.39 7.06 14.01
N PHE B 23 9.97 6.02 13.29
CA PHE B 23 8.97 6.18 12.25
C PHE B 23 7.60 5.85 12.81
N GLN B 24 6.53 6.35 12.19
CA GLN B 24 5.19 6.13 12.73
C GLN B 24 4.72 4.71 12.53
N THR B 25 3.78 4.28 13.34
CA THR B 25 3.27 2.92 13.23
C THR B 25 2.03 2.83 14.07
N LEU B 26 1.20 1.81 13.80
CA LEU B 26 0.04 1.56 14.67
C LEU B 26 0.46 1.09 16.07
N VAL B 27 1.61 0.42 16.16
CA VAL B 27 2.06 -0.17 17.44
C VAL B 27 3.53 0.04 17.64
N PRO B 28 3.90 1.15 18.25
CA PRO B 28 5.31 1.47 18.45
C PRO B 28 6.01 0.39 19.30
N LEU B 29 7.16 -0.06 18.80
CA LEU B 29 7.92 -1.14 19.44
C LEU B 29 9.32 -0.69 19.89
N ASP B 30 9.85 -1.34 20.92
CA ASP B 30 11.28 -1.22 21.24
C ASP B 30 12.00 -2.37 20.60
N HIS B 31 13.03 -2.08 19.84
CA HIS B 31 13.88 -3.12 19.26
C HIS B 31 14.99 -3.46 20.24
N LYS B 32 14.81 -4.55 20.97
CA LYS B 32 15.75 -4.95 22.04
C LYS B 32 17.03 -5.54 21.48
N GLN B 33 16.93 -6.72 20.86
CA GLN B 33 18.07 -7.28 20.14
C GLN B 33 17.68 -8.27 19.04
N GLY B 34 18.28 -8.11 17.86
CA GLY B 34 18.04 -9.02 16.77
C GLY B 34 16.53 -9.20 16.60
N THR B 35 16.04 -10.42 16.76
CA THR B 35 14.62 -10.73 16.55
C THR B 35 13.69 -10.39 17.73
N LEU B 36 14.24 -9.81 18.80
CA LEU B 36 13.43 -9.54 19.97
C LEU B 36 12.92 -8.11 20.03
N PHE B 37 11.60 -7.97 19.99
CA PHE B 37 10.97 -6.66 20.09
C PHE B 37 9.98 -6.63 21.25
N GLU B 38 9.64 -5.44 21.70
CA GLU B 38 8.63 -5.33 22.75
C GLU B 38 7.70 -4.14 22.50
N ILE B 39 6.42 -4.33 22.73
CA ILE B 39 5.45 -3.25 22.58
C ILE B 39 5.71 -2.18 23.66
N ILE B 40 5.74 -0.92 23.26
CA ILE B 40 5.98 0.15 24.23
C ILE B 40 4.67 0.60 24.87
N GLY B 41 4.64 0.65 26.21
CA GLY B 41 3.47 1.08 26.95
C GLY B 41 2.21 0.21 26.79
N GLU B 42 1.04 0.84 26.75
CA GLU B 42 -0.22 0.10 26.59
C GLU B 42 -1.12 0.72 25.50
N PRO B 43 -0.73 0.59 24.23
CA PRO B 43 -1.55 1.16 23.15
C PRO B 43 -2.79 0.31 22.89
N LYS B 44 -3.83 0.91 22.32
CA LYS B 44 -4.94 0.09 21.87
C LYS B 44 -4.49 -0.61 20.60
N LEU B 45 -4.64 -1.93 20.56
CA LEU B 45 -4.15 -2.72 19.45
C LEU B 45 -5.19 -2.82 18.34
N PRO B 46 -4.73 -2.87 17.08
CA PRO B 46 -5.62 -3.13 15.96
C PRO B 46 -6.32 -4.47 16.17
N LYS B 47 -7.61 -4.57 15.84
CA LYS B 47 -8.34 -5.83 15.94
C LYS B 47 -7.62 -7.02 15.32
N TRP B 48 -6.92 -6.78 14.21
CA TRP B 48 -6.34 -7.89 13.47
C TRP B 48 -5.01 -8.34 14.05
N PHE B 49 -4.49 -7.57 15.00
CA PHE B 49 -3.15 -7.79 15.49
C PHE B 49 -3.16 -8.54 16.83
N HIS B 50 -2.23 -9.46 17.00
CA HIS B 50 -2.05 -10.16 18.29
C HIS B 50 -0.57 -10.12 18.65
N VAL B 51 -0.27 -10.06 19.94
CA VAL B 51 1.12 -9.89 20.37
C VAL B 51 2.03 -11.01 19.88
N GLU B 52 1.47 -12.21 19.71
CA GLU B 52 2.24 -13.35 19.26
C GLU B 52 2.78 -13.18 17.84
N CYS B 53 2.27 -12.18 17.12
CA CYS B 53 2.77 -11.87 15.79
C CYS B 53 4.24 -11.50 15.85
N LEU B 54 4.64 -10.87 16.96
CA LEU B 54 6.02 -10.47 17.19
C LEU B 54 6.99 -11.66 17.22
N GLU B 55 6.46 -12.88 17.27
CA GLU B 55 7.28 -14.10 17.29
C GLU B 55 7.57 -14.63 15.88
N ASP B 56 7.17 -13.86 14.87
CA ASP B 56 7.37 -14.25 13.49
C ASP B 56 7.92 -13.09 12.68
N PRO B 57 9.05 -12.52 13.12
CA PRO B 57 9.54 -11.33 12.42
C PRO B 57 10.15 -11.74 11.10
N LYS B 58 10.15 -10.84 10.12
CA LYS B 58 10.97 -10.99 8.92
C LYS B 58 11.71 -9.68 8.78
N ARG B 59 12.93 -9.72 8.29
CA ARG B 59 13.74 -8.52 8.14
C ARG B 59 14.12 -8.28 6.67
N LEU B 60 14.16 -7.02 6.28
CA LEU B 60 14.60 -6.61 4.95
C LEU B 60 15.56 -5.47 5.15
N TYR B 61 16.54 -5.36 4.25
CA TYR B 61 17.50 -4.27 4.32
C TYR B 61 17.24 -3.26 3.23
N VAL B 62 17.52 -2.00 3.51
CA VAL B 62 17.34 -0.94 2.52
C VAL B 62 18.31 0.21 2.83
N GLU B 63 18.72 0.96 1.80
CA GLU B 63 19.51 2.16 2.02
C GLU B 63 18.63 3.13 2.76
N PRO B 64 19.15 3.73 3.83
CA PRO B 64 18.33 4.66 4.60
C PRO B 64 17.67 5.74 3.73
N ARG B 65 18.35 6.18 2.68
CA ARG B 65 17.85 7.25 1.81
C ARG B 65 16.45 6.96 1.23
N LEU B 66 16.13 5.68 1.10
CA LEU B 66 14.87 5.31 0.49
C LEU B 66 13.68 5.41 1.44
N LEU B 67 13.95 5.35 2.75
CA LEU B 67 12.89 5.22 3.76
C LEU B 67 11.76 6.25 3.64
N GLU B 68 12.10 7.52 3.57
CA GLU B 68 11.07 8.57 3.49
C GLU B 68 10.38 8.58 2.11
N ILE B 69 11.06 8.07 1.09
CA ILE B 69 10.44 7.91 -0.21
C ILE B 69 9.42 6.78 -0.16
N MET B 70 9.82 5.63 0.39
CA MET B 70 8.90 4.50 0.55
C MET B 70 7.73 4.77 1.48
N PHE B 71 7.98 5.46 2.59
CA PHE B 71 6.99 5.48 3.69
C PHE B 71 6.44 6.84 4.06
N GLY B 72 6.93 7.90 3.42
CA GLY B 72 6.53 9.24 3.78
C GLY B 72 7.48 9.83 4.81
N LYS B 73 7.42 11.15 4.96
CA LYS B 73 8.17 11.87 5.98
C LYS B 73 7.89 11.25 7.35
N ASP B 74 8.93 10.92 8.09
CA ASP B 74 8.77 10.30 9.41
C ASP B 74 7.91 9.05 9.40
N GLY B 75 7.73 8.46 8.22
CA GLY B 75 6.99 7.22 8.10
C GLY B 75 5.51 7.42 8.24
N GLU B 76 5.03 8.57 7.77
CA GLU B 76 3.64 8.94 7.99
C GLU B 76 2.62 8.07 7.24
N HIS B 77 3.07 7.29 6.27
CA HIS B 77 2.14 6.45 5.52
C HIS B 77 2.09 5.02 6.03
N ILE B 78 2.94 4.71 7.00
CA ILE B 78 3.07 3.33 7.49
C ILE B 78 1.79 2.76 8.11
N PRO B 79 1.08 3.56 8.92
CA PRO B 79 -0.16 3.04 9.49
C PRO B 79 -1.20 2.62 8.46
N HIS B 80 -1.26 3.33 7.33
CA HIS B 80 -2.12 2.92 6.21
C HIS B 80 -1.63 1.63 5.62
N LEU B 81 -0.32 1.57 5.34
CA LEU B 81 0.30 0.37 4.77
C LEU B 81 0.09 -0.83 5.67
N GLU B 82 0.24 -0.63 6.98
CA GLU B 82 0.07 -1.72 7.94
C GLU B 82 -1.37 -2.20 7.92
N SER B 83 -2.31 -1.26 7.83
CA SER B 83 -3.73 -1.59 7.79
C SER B 83 -4.12 -2.28 6.47
N MET B 84 -3.44 -1.96 5.39
CA MET B 84 -3.68 -2.63 4.13
C MET B 84 -3.15 -4.05 4.20
N LEU B 85 -1.93 -4.19 4.72
CA LEU B 85 -1.21 -5.45 4.71
C LEU B 85 -1.57 -6.36 5.89
N HIS B 86 -2.16 -5.77 6.92
CA HIS B 86 -2.38 -6.48 8.15
C HIS B 86 -1.07 -7.03 8.69
N THR B 87 -0.08 -6.15 8.72
CA THR B 87 1.25 -6.51 9.17
C THR B 87 1.87 -5.24 9.73
N LEU B 88 2.53 -5.40 10.87
CA LEU B 88 3.19 -4.29 11.56
C LEU B 88 4.52 -4.09 10.88
N ILE B 89 4.96 -2.84 10.82
CA ILE B 89 6.22 -2.50 10.16
C ILE B 89 7.03 -1.72 11.17
N HIS B 90 8.22 -2.24 11.50
CA HIS B 90 9.15 -1.49 12.34
C HIS B 90 10.40 -1.14 11.53
N VAL B 91 10.81 0.11 11.63
CA VAL B 91 11.98 0.60 10.93
C VAL B 91 13.08 0.95 11.92
N ASN B 92 14.20 0.25 11.79
CA ASN B 92 15.43 0.57 12.52
C ASN B 92 16.42 1.21 11.55
N VAL B 93 16.96 2.35 11.93
CA VAL B 93 17.84 3.12 11.06
C VAL B 93 19.05 3.56 11.86
N TRP B 94 20.21 3.57 11.22
CA TRP B 94 21.45 3.97 11.88
C TRP B 94 22.16 5.03 11.05
N GLY B 95 23.37 4.73 10.60
CA GLY B 95 24.12 5.67 9.79
C GLY B 95 23.54 5.76 8.38
N PRO B 96 23.86 6.84 7.65
CA PRO B 96 23.44 6.94 6.25
C PRO B 96 24.27 5.99 5.42
N GLU B 97 25.33 5.47 6.04
CA GLU B 97 26.21 4.51 5.39
C GLU B 97 25.59 3.13 5.39
N ARG B 98 25.24 2.64 6.58
CA ARG B 98 24.80 1.26 6.72
C ARG B 98 23.32 1.06 6.41
N ARG B 99 22.98 -0.18 6.08
CA ARG B 99 21.63 -0.55 5.68
C ARG B 99 20.63 -0.32 6.80
N ALA B 100 19.51 0.32 6.49
CA ALA B 100 18.38 0.37 7.40
C ALA B 100 17.70 -0.99 7.42
N GLU B 101 17.12 -1.37 8.55
CA GLU B 101 16.33 -2.61 8.60
C GLU B 101 14.84 -2.32 8.62
N ILE B 102 14.08 -3.04 7.80
CA ILE B 102 12.63 -3.01 7.86
C ILE B 102 12.20 -4.35 8.42
N TRP B 103 11.45 -4.31 9.51
CA TRP B 103 11.00 -5.51 10.18
C TRP B 103 9.50 -5.59 10.05
N ILE B 104 9.00 -6.77 9.71
CA ILE B 104 7.57 -7.00 9.57
C ILE B 104 7.17 -8.19 10.42
N PHE B 105 5.97 -8.15 10.97
CA PHE B 105 5.47 -9.22 11.83
C PHE B 105 4.16 -9.77 11.25
N GLY B 106 4.28 -10.69 10.28
CA GLY B 106 3.25 -11.01 9.30
C GLY B 106 1.98 -11.70 9.77
N PRO B 107 1.39 -12.57 8.93
CA PRO B 107 1.73 -13.05 7.58
C PRO B 107 1.07 -12.30 6.40
N PRO B 108 1.39 -12.68 5.15
CA PRO B 108 1.09 -11.95 3.90
C PRO B 108 -0.30 -12.17 3.28
N PRO B 109 -0.80 -11.15 2.54
CA PRO B 109 -2.06 -11.16 1.81
C PRO B 109 -1.88 -11.15 0.29
N PHE B 110 -1.06 -12.04 -0.24
CA PHE B 110 -0.79 -12.06 -1.67
C PHE B 110 0.11 -13.25 -2.03
N ARG B 111 -0.10 -13.80 -3.22
CA ARG B 111 0.83 -14.73 -3.82
C ARG B 111 2.25 -14.19 -3.71
N ARG B 112 2.36 -12.87 -3.56
CA ARG B 112 3.65 -12.21 -3.32
C ARG B 112 3.82 -11.87 -1.85
N ASP B 113 4.88 -12.42 -1.26
CA ASP B 113 5.23 -12.17 0.13
C ASP B 113 5.25 -10.66 0.40
N VAL B 114 4.66 -10.26 1.52
CA VAL B 114 4.80 -8.90 2.00
C VAL B 114 6.25 -8.51 1.85
N ASP B 115 7.14 -9.46 2.12
CA ASP B 115 8.58 -9.29 1.88
C ASP B 115 8.88 -8.79 0.47
N ARG B 116 8.31 -9.49 -0.50
CA ARG B 116 8.51 -9.15 -1.92
C ARG B 116 7.82 -7.85 -2.31
N MET B 117 6.65 -7.58 -1.75
CA MET B 117 5.98 -6.33 -2.07
C MET B 117 6.77 -5.11 -1.60
N LEU B 118 7.46 -5.26 -0.46
CA LEU B 118 8.24 -4.15 0.10
C LEU B 118 9.61 -3.99 -0.57
N THR B 119 10.20 -5.08 -1.00
CA THR B 119 11.46 -4.95 -1.72
C THR B 119 11.18 -4.32 -3.10
N ASP B 120 10.09 -4.75 -3.72
CA ASP B 120 9.60 -4.13 -4.96
C ASP B 120 9.29 -2.62 -4.82
N LEU B 121 8.60 -2.23 -3.74
CA LEU B 121 8.42 -0.80 -3.44
C LEU B 121 9.76 -0.08 -3.37
N ALA B 122 10.73 -0.69 -2.69
CA ALA B 122 12.03 -0.07 -2.56
C ALA B 122 12.70 0.10 -3.93
N HIS B 123 12.61 -0.94 -4.75
CA HIS B 123 13.17 -0.92 -6.11
C HIS B 123 12.60 0.26 -6.90
N TYR B 124 11.28 0.36 -6.94
CA TYR B 124 10.62 1.49 -7.59
C TYR B 124 11.14 2.82 -7.03
N CYS B 125 11.28 2.90 -5.72
CA CYS B 125 11.68 4.15 -5.08
C CYS B 125 13.16 4.48 -5.32
N ARG B 126 13.98 3.45 -5.45
CA ARG B 126 15.38 3.62 -5.81
C ARG B 126 15.48 4.27 -7.18
N MET B 127 14.71 3.75 -8.13
CA MET B 127 14.73 4.24 -9.49
C MET B 127 14.16 5.65 -9.58
N LYS B 128 13.03 5.86 -8.93
CA LYS B 128 12.37 7.17 -8.95
C LYS B 128 13.25 8.22 -8.29
N LEU B 129 14.18 7.77 -7.46
CA LEU B 129 15.14 8.66 -6.79
C LEU B 129 16.25 9.09 -7.75
N MET B 130 15.98 9.04 -9.05
CA MET B 130 16.97 9.44 -10.05
C MET B 130 16.37 10.33 -11.13
#